data_5OA4
#
_entry.id   5OA4
#
_cell.length_a   72.780
_cell.length_b   120.910
_cell.length_c   66.760
_cell.angle_alpha   90.00
_cell.angle_beta   90.00
_cell.angle_gamma   90.00
#
_symmetry.space_group_name_H-M   'C 2 2 21'
#
loop_
_entity.id
_entity.type
_entity.pdbx_description
1 polymer 'Iron/alpha-ketoglutarate-dependent dioxygenase asqJ'
2 non-polymer 'NICKEL (II) ION'
3 non-polymer (3S)-3-(4-methoxybenzyl)-4-methyl-3,4-dihydro-1H-1,4-benzodiazepine-2,5-dione
4 non-polymer 2-AMINO-2-HYDROXYMETHYL-PROPANE-1,3-DIOL
5 non-polymer 'CHLORIDE ION'
6 water water
#
_entity_poly.entity_id   1
_entity_poly.type   'polypeptide(L)'
_entity_poly.pdbx_seq_one_letter_code
;STSKDHVKSQIPRLSAINDLHKIWPTVEEHGAAIIESFLSLDIVRRLNEEVDPFVKIEPIPAAKTKDHPNHILSTTTRLV
NVLAPISKAYREDVLNSKVLHRICSDAFHVYGDYWVLMGAVMELAPSNPAQPLHRDMRFSHPIVEYLKPDAPATSINFLV
ALSPFTAENGATHVILGSHKWQNLSNVSMDATVRALMNPGDALLITDSTIHCGGAETTGTETRRLLTITMGISQLTPLES
NLAVPRPVIESLTPLAQRLLGWASQRSAAPRDIGLLTIRGNSIEKTMNLKAEQPLHDDEAEPLCRETI
;
_entity_poly.pdbx_strand_id   A
#
# COMPACT_ATOMS: atom_id res chain seq x y z
N LYS A 8 -22.03 -11.99 -12.35
CA LYS A 8 -20.75 -12.13 -11.57
C LYS A 8 -20.79 -11.35 -10.26
N SER A 9 -20.17 -11.92 -9.23
CA SER A 9 -20.26 -11.38 -7.87
C SER A 9 -19.35 -10.17 -7.66
N GLN A 10 -19.82 -9.24 -6.84
CA GLN A 10 -19.12 -7.99 -6.57
C GLN A 10 -18.06 -8.17 -5.49
N ILE A 11 -17.21 -7.15 -5.33
CA ILE A 11 -16.15 -7.19 -4.32
C ILE A 11 -16.83 -7.16 -2.94
N PRO A 12 -16.47 -8.10 -2.04
CA PRO A 12 -17.05 -8.08 -0.69
C PRO A 12 -16.74 -6.77 0.03
N ARG A 13 -17.74 -6.22 0.72
CA ARG A 13 -17.63 -4.95 1.43
C ARG A 13 -17.75 -5.20 2.93
N LEU A 14 -16.78 -4.72 3.69
CA LEU A 14 -16.68 -5.02 5.11
C LEU A 14 -16.51 -3.76 5.95
N SER A 15 -17.01 -3.84 7.18
CA SER A 15 -16.87 -2.75 8.15
C SER A 15 -15.51 -2.82 8.81
N ALA A 16 -14.84 -1.67 8.87
CA ALA A 16 -13.62 -1.52 9.65
C ALA A 16 -13.92 -1.66 11.15
N ILE A 17 -15.11 -1.20 11.56
CA ILE A 17 -15.52 -1.16 12.96
C ILE A 17 -15.97 -2.55 13.45
N ASN A 18 -16.85 -3.20 12.69
CA ASN A 18 -17.53 -4.43 13.13
C ASN A 18 -16.91 -5.73 12.63
N ASP A 19 -16.47 -5.76 11.35
CA ASP A 19 -16.09 -7.01 10.68
C ASP A 19 -14.58 -7.24 10.64
N LEU A 20 -13.84 -6.75 11.64
CA LEU A 20 -12.38 -6.67 11.54
C LEU A 20 -11.70 -8.03 11.34
N HIS A 21 -12.11 -9.02 12.13
CA HIS A 21 -11.60 -10.39 11.99
C HIS A 21 -11.94 -11.07 10.65
N LYS A 22 -12.97 -10.58 9.97
CA LYS A 22 -13.41 -11.13 8.69
C LYS A 22 -12.64 -10.61 7.48
N ILE A 23 -11.88 -9.53 7.65
CA ILE A 23 -11.27 -8.84 6.50
C ILE A 23 -10.22 -9.69 5.82
N TRP A 24 -9.20 -10.13 6.55
CA TRP A 24 -8.15 -10.93 5.91
C TRP A 24 -8.67 -12.26 5.34
N PRO A 25 -9.48 -13.02 6.11
CA PRO A 25 -10.08 -14.25 5.53
C PRO A 25 -10.85 -14.03 4.23
N THR A 26 -11.54 -12.89 4.12
CA THR A 26 -12.26 -12.54 2.90
C THR A 26 -11.30 -12.33 1.73
N VAL A 27 -10.22 -11.59 1.98
CA VAL A 27 -9.20 -11.34 0.95
C VAL A 27 -8.49 -12.64 0.58
N GLU A 28 -8.18 -13.47 1.57
CA GLU A 28 -7.53 -14.77 1.28
C GLU A 28 -8.40 -15.62 0.34
N GLU A 29 -9.73 -15.59 0.54
CA GLU A 29 -10.64 -16.39 -0.29
C GLU A 29 -10.88 -15.77 -1.67
N HIS A 30 -11.19 -14.47 -1.71
CA HIS A 30 -11.67 -13.82 -2.94
C HIS A 30 -10.63 -12.95 -3.67
N GLY A 31 -9.52 -12.63 -3.00
CA GLY A 31 -8.45 -11.83 -3.58
C GLY A 31 -8.62 -10.33 -3.42
N ALA A 32 -9.78 -9.90 -2.91
CA ALA A 32 -10.06 -8.49 -2.74
C ALA A 32 -11.21 -8.30 -1.77
N ALA A 33 -11.18 -7.15 -1.09
CA ALA A 33 -12.27 -6.72 -0.25
C ALA A 33 -12.24 -5.20 -0.14
N ILE A 34 -13.41 -4.60 0.05
CA ILE A 34 -13.52 -3.17 0.31
C ILE A 34 -13.74 -3.00 1.80
N ILE A 35 -12.86 -2.22 2.42
CA ILE A 35 -12.95 -1.89 3.84
C ILE A 35 -13.58 -0.50 3.88
N GLU A 36 -14.84 -0.45 4.29
CA GLU A 36 -15.59 0.80 4.33
C GLU A 36 -15.10 1.66 5.51
N SER A 37 -14.85 2.94 5.22
CA SER A 37 -14.33 3.89 6.21
C SER A 37 -13.07 3.40 6.93
N PHE A 38 -12.15 2.87 6.13
CA PHE A 38 -10.83 2.47 6.62
C PHE A 38 -10.12 3.65 7.29
N LEU A 39 -10.16 4.81 6.63
CA LEU A 39 -9.76 6.08 7.25
C LEU A 39 -10.97 6.98 7.42
N SER A 40 -11.01 7.70 8.52
CA SER A 40 -12.05 8.71 8.76
C SER A 40 -11.93 9.86 7.76
N LEU A 41 -13.02 10.59 7.57
CA LEU A 41 -13.01 11.78 6.71
C LEU A 41 -12.03 12.85 7.20
N ASP A 42 -11.88 12.97 8.51
CA ASP A 42 -10.91 13.90 9.09
C ASP A 42 -9.47 13.55 8.71
N ILE A 43 -9.12 12.27 8.82
CA ILE A 43 -7.79 11.79 8.42
C ILE A 43 -7.55 12.01 6.93
N VAL A 44 -8.56 11.72 6.12
CA VAL A 44 -8.49 11.95 4.67
C VAL A 44 -8.28 13.44 4.36
N ARG A 45 -9.01 14.31 5.06
CA ARG A 45 -8.88 15.75 4.89
C ARG A 45 -7.46 16.23 5.17
N ARG A 46 -6.92 15.79 6.31
CA ARG A 46 -5.59 16.20 6.73
C ARG A 46 -4.49 15.64 5.82
N LEU A 47 -4.61 14.36 5.48
CA LEU A 47 -3.70 13.71 4.53
C LEU A 47 -3.66 14.51 3.22
N ASN A 48 -4.84 14.79 2.66
CA ASN A 48 -4.94 15.54 1.40
C ASN A 48 -4.29 16.92 1.48
N GLU A 49 -4.60 17.66 2.54
CA GLU A 49 -4.04 19.00 2.76
C GLU A 49 -2.52 18.97 2.87
N GLU A 50 -1.99 17.97 3.58
CA GLU A 50 -0.56 17.86 3.81
C GLU A 50 0.23 17.46 2.56
N VAL A 51 -0.31 16.53 1.78
CA VAL A 51 0.38 16.08 0.55
C VAL A 51 0.13 16.97 -0.68
N ASP A 52 -0.94 17.76 -0.67
CA ASP A 52 -1.33 18.65 -1.80
C ASP A 52 -0.16 19.31 -2.54
N PRO A 53 0.68 20.10 -1.84
CA PRO A 53 1.76 20.77 -2.58
C PRO A 53 2.82 19.83 -3.16
N PHE A 54 3.08 18.71 -2.49
CA PHE A 54 4.06 17.74 -2.97
C PHE A 54 3.58 17.02 -4.23
N VAL A 55 2.26 16.83 -4.34
CA VAL A 55 1.66 16.30 -5.57
C VAL A 55 1.82 17.33 -6.70
N LYS A 56 1.55 18.60 -6.41
CA LYS A 56 1.65 19.65 -7.42
C LYS A 56 3.07 19.86 -7.98
N ILE A 57 4.08 19.72 -7.13
CA ILE A 57 5.48 19.89 -7.58
C ILE A 57 6.11 18.62 -8.18
N GLU A 58 5.42 17.49 -8.06
CA GLU A 58 5.96 16.21 -8.51
C GLU A 58 6.08 16.19 -10.04
N PRO A 59 7.27 15.85 -10.58
CA PRO A 59 7.38 15.73 -12.04
C PRO A 59 6.75 14.45 -12.58
N ILE A 60 6.80 14.30 -13.90
CA ILE A 60 6.32 13.07 -14.54
C ILE A 60 7.07 11.84 -14.00
N PRO A 61 6.42 10.66 -14.00
CA PRO A 61 7.06 9.47 -13.42
C PRO A 61 8.44 9.12 -13.99
N ALA A 62 8.62 9.36 -15.30
CA ALA A 62 9.90 9.07 -15.98
C ALA A 62 10.68 10.35 -16.30
N ALA A 63 10.61 11.35 -15.42
CA ALA A 63 11.31 12.62 -15.64
C ALA A 63 12.80 12.38 -15.85
N LYS A 64 13.39 13.11 -16.80
CA LYS A 64 14.82 12.94 -17.13
C LYS A 64 15.76 13.33 -15.98
N THR A 65 15.27 14.15 -15.06
CA THR A 65 15.98 14.49 -13.83
C THR A 65 16.15 13.32 -12.84
N LYS A 66 15.29 12.31 -12.93
CA LYS A 66 15.32 11.17 -12.00
C LYS A 66 16.33 10.10 -12.40
N ASP A 67 17.05 9.54 -11.42
CA ASP A 67 17.94 8.38 -11.68
C ASP A 67 17.26 7.02 -11.44
N HIS A 68 16.07 7.02 -10.84
CA HIS A 68 15.17 5.84 -10.83
C HIS A 68 13.82 6.19 -11.44
N PRO A 69 13.80 6.51 -12.74
CA PRO A 69 12.53 6.85 -13.38
C PRO A 69 11.57 5.66 -13.43
N ASN A 70 10.29 5.96 -13.32
CA ASN A 70 9.24 4.96 -13.47
C ASN A 70 8.72 5.07 -14.90
N HIS A 71 9.10 4.11 -15.74
CA HIS A 71 8.70 4.08 -17.15
C HIS A 71 7.34 3.42 -17.41
N ILE A 72 6.66 2.95 -16.36
CA ILE A 72 5.41 2.20 -16.46
CA ILE A 72 5.42 2.20 -16.51
C ILE A 72 4.21 3.13 -16.36
N LEU A 73 4.20 3.95 -15.32
CA LEU A 73 3.05 4.84 -15.05
C LEU A 73 2.82 5.82 -16.19
N SER A 74 1.56 6.18 -16.41
CA SER A 74 1.22 7.15 -17.46
C SER A 74 1.84 8.50 -17.14
N THR A 75 2.10 9.28 -18.17
CA THR A 75 2.66 10.63 -17.99
C THR A 75 1.72 11.55 -17.21
N THR A 76 0.42 11.23 -17.21
CA THR A 76 -0.61 11.93 -16.42
C THR A 76 -0.88 11.28 -15.05
N THR A 77 0.17 10.71 -14.45
CA THR A 77 0.10 10.21 -13.09
C THR A 77 1.17 10.93 -12.30
N ARG A 78 0.83 11.31 -11.07
CA ARG A 78 1.80 11.83 -10.12
C ARG A 78 1.81 10.93 -8.91
N LEU A 79 2.98 10.38 -8.57
CA LEU A 79 3.14 9.49 -7.43
C LEU A 79 4.14 10.13 -6.47
N VAL A 80 3.72 10.29 -5.22
CA VAL A 80 4.57 10.84 -4.16
C VAL A 80 4.69 9.79 -3.07
N ASN A 81 5.90 9.31 -2.83
CA ASN A 81 6.16 8.34 -1.77
C ASN A 81 7.04 8.98 -0.66
N VAL A 82 7.48 8.19 0.32
CA VAL A 82 8.20 8.69 1.50
C VAL A 82 7.36 9.80 2.17
N LEU A 83 6.17 9.39 2.60
CA LEU A 83 5.17 10.33 3.12
C LEU A 83 5.40 10.76 4.56
N ALA A 84 6.20 10.01 5.33
CA ALA A 84 6.41 10.34 6.74
C ALA A 84 6.87 11.79 7.00
N PRO A 85 7.88 12.29 6.26
CA PRO A 85 8.26 13.69 6.47
C PRO A 85 7.25 14.75 5.99
N ILE A 86 6.37 14.36 5.07
CA ILE A 86 5.33 15.25 4.50
C ILE A 86 4.09 15.36 5.40
N SER A 87 3.64 14.25 5.97
CA SER A 87 2.28 14.16 6.52
C SER A 87 2.23 13.62 7.94
N LYS A 88 1.81 14.50 8.86
CA LYS A 88 1.55 14.13 10.25
C LYS A 88 0.45 13.07 10.33
N ALA A 89 -0.60 13.25 9.54
CA ALA A 89 -1.71 12.29 9.50
C ALA A 89 -1.25 10.89 9.08
N TYR A 90 -0.37 10.83 8.09
CA TYR A 90 0.18 9.55 7.64
C TYR A 90 1.03 8.89 8.74
N ARG A 91 2.02 9.62 9.23
CA ARG A 91 2.99 9.04 10.15
C ARG A 91 2.41 8.72 11.55
N GLU A 92 1.34 9.42 11.93
CA GLU A 92 0.68 9.17 13.22
C GLU A 92 -0.54 8.27 13.05
N ASP A 93 -1.55 8.75 12.33
CA ASP A 93 -2.83 8.03 12.25
C ASP A 93 -2.77 6.78 11.39
N VAL A 94 -2.18 6.89 10.20
CA VAL A 94 -2.18 5.77 9.24
C VAL A 94 -1.21 4.68 9.68
N LEU A 95 0.03 5.05 9.99
CA LEU A 95 1.04 4.07 10.40
C LEU A 95 0.70 3.31 11.69
N ASN A 96 -0.17 3.88 12.53
CA ASN A 96 -0.64 3.21 13.74
C ASN A 96 -2.09 2.69 13.66
N SER A 97 -2.64 2.60 12.44
CA SER A 97 -4.01 2.15 12.24
C SER A 97 -4.24 0.76 12.84
N LYS A 98 -5.14 0.67 13.83
CA LYS A 98 -5.53 -0.59 14.44
C LYS A 98 -6.00 -1.61 13.39
N VAL A 99 -6.78 -1.14 12.43
CA VAL A 99 -7.34 -1.99 11.39
C VAL A 99 -6.23 -2.53 10.48
N LEU A 100 -5.35 -1.64 10.04
CA LEU A 100 -4.21 -2.06 9.20
C LEU A 100 -3.37 -3.13 9.89
N HIS A 101 -3.06 -2.91 11.16
CA HIS A 101 -2.18 -3.83 11.90
C HIS A 101 -2.83 -5.17 12.22
N ARG A 102 -4.13 -5.18 12.49
CA ARG A 102 -4.83 -6.46 12.65
C ARG A 102 -4.77 -7.27 11.34
N ILE A 103 -5.07 -6.61 10.23
CA ILE A 103 -5.06 -7.26 8.91
C ILE A 103 -3.66 -7.79 8.57
N CYS A 104 -2.64 -6.95 8.77
CA CYS A 104 -1.27 -7.34 8.45
C CYS A 104 -0.76 -8.48 9.30
N SER A 105 -1.06 -8.46 10.60
CA SER A 105 -0.68 -9.56 11.49
C SER A 105 -1.44 -10.85 11.14
N ASP A 106 -2.71 -10.74 10.74
CA ASP A 106 -3.45 -11.89 10.19
C ASP A 106 -2.78 -12.45 8.93
N ALA A 107 -2.46 -11.54 8.01
CA ALA A 107 -1.89 -11.93 6.71
C ALA A 107 -0.50 -12.52 6.77
N PHE A 108 0.36 -11.96 7.62
CA PHE A 108 1.80 -12.27 7.57
C PHE A 108 2.34 -13.11 8.71
N HIS A 109 1.46 -13.66 9.55
CA HIS A 109 1.87 -14.46 10.72
C HIS A 109 2.81 -15.62 10.39
N VAL A 110 2.61 -16.26 9.24
CA VAL A 110 3.48 -17.37 8.81
C VAL A 110 4.94 -16.93 8.65
N TYR A 111 5.14 -15.69 8.21
CA TYR A 111 6.47 -15.17 7.89
C TYR A 111 7.14 -14.41 9.03
N GLY A 112 6.36 -13.61 9.75
CA GLY A 112 6.85 -12.80 10.86
C GLY A 112 6.50 -11.33 10.72
N ASP A 113 7.43 -10.47 11.14
CA ASP A 113 7.21 -9.02 11.05
C ASP A 113 6.96 -8.56 9.62
N TYR A 114 6.21 -7.46 9.53
CA TYR A 114 5.92 -6.80 8.26
C TYR A 114 6.29 -5.33 8.41
N TRP A 115 6.42 -4.66 7.27
CA TRP A 115 6.70 -3.23 7.23
C TRP A 115 6.14 -2.62 5.95
N VAL A 116 6.33 -1.31 5.78
CA VAL A 116 5.82 -0.63 4.60
C VAL A 116 6.80 -0.83 3.45
N LEU A 117 6.36 -1.49 2.38
CA LEU A 117 7.17 -1.55 1.16
C LEU A 117 7.05 -0.26 0.37
N MET A 118 5.85 0.30 0.31
CA MET A 118 5.67 1.67 -0.17
C MET A 118 4.34 2.26 0.29
N GLY A 119 4.41 3.45 0.86
CA GLY A 119 3.24 4.29 1.11
C GLY A 119 3.31 5.48 0.17
N ALA A 120 2.37 5.55 -0.77
CA ALA A 120 2.39 6.61 -1.79
C ALA A 120 1.01 7.20 -2.05
N VAL A 121 0.98 8.50 -2.27
CA VAL A 121 -0.20 9.17 -2.81
C VAL A 121 -0.04 9.15 -4.33
N MET A 122 -1.07 8.67 -5.02
CA MET A 122 -1.14 8.69 -6.47
C MET A 122 -2.29 9.58 -6.89
N GLU A 123 -2.02 10.54 -7.76
CA GLU A 123 -3.05 11.37 -8.35
C GLU A 123 -3.09 11.15 -9.84
N LEU A 124 -4.27 10.80 -10.33
CA LEU A 124 -4.50 10.53 -11.74
C LEU A 124 -5.18 11.74 -12.34
N ALA A 125 -4.61 12.26 -13.43
CA ALA A 125 -5.16 13.46 -14.07
C ALA A 125 -6.43 13.09 -14.83
N PRO A 126 -7.25 14.11 -15.18
CA PRO A 126 -8.38 13.81 -16.04
C PRO A 126 -7.93 13.14 -17.34
N SER A 127 -8.78 12.25 -17.87
CA SER A 127 -8.52 11.49 -19.08
C SER A 127 -7.42 10.43 -18.96
N ASN A 128 -6.99 10.09 -17.74
CA ASN A 128 -5.98 9.05 -17.52
C ASN A 128 -6.50 7.72 -18.06
N PRO A 129 -5.72 7.04 -18.92
CA PRO A 129 -6.18 5.74 -19.43
C PRO A 129 -6.15 4.64 -18.39
N ALA A 130 -6.94 3.60 -18.63
CA ALA A 130 -6.89 2.39 -17.82
C ALA A 130 -5.50 1.77 -17.92
N GLN A 131 -5.03 1.22 -16.80
CA GLN A 131 -3.79 0.46 -16.80
C GLN A 131 -4.09 -0.91 -17.38
N PRO A 132 -3.07 -1.57 -17.96
CA PRO A 132 -3.26 -2.99 -18.27
C PRO A 132 -3.47 -3.79 -17.00
N LEU A 133 -4.24 -4.87 -17.11
CA LEU A 133 -4.38 -5.80 -15.99
C LEU A 133 -3.00 -6.34 -15.59
N HIS A 134 -2.74 -6.36 -14.29
CA HIS A 134 -1.44 -6.77 -13.79
C HIS A 134 -1.51 -7.28 -12.36
N ARG A 135 -0.42 -7.91 -11.96
CA ARG A 135 -0.12 -8.15 -10.55
C ARG A 135 0.96 -7.15 -10.16
N ASP A 136 0.89 -6.64 -8.94
CA ASP A 136 1.93 -5.75 -8.42
C ASP A 136 3.22 -6.52 -8.15
N MET A 137 4.29 -5.77 -7.94
CA MET A 137 5.62 -6.25 -7.50
C MET A 137 6.55 -6.76 -8.61
N ARG A 138 6.07 -6.85 -9.85
CA ARG A 138 6.87 -7.46 -10.94
C ARG A 138 7.93 -6.54 -11.56
N PHE A 139 7.90 -5.24 -11.22
CA PHE A 139 8.94 -4.30 -11.68
C PHE A 139 9.96 -3.98 -10.60
N SER A 140 9.86 -4.64 -9.45
CA SER A 140 10.76 -4.40 -8.31
C SER A 140 11.25 -5.67 -7.63
N HIS A 141 10.42 -6.70 -7.58
CA HIS A 141 10.74 -7.93 -6.86
C HIS A 141 10.52 -9.18 -7.70
N PRO A 142 11.41 -9.41 -8.70
CA PRO A 142 11.42 -10.65 -9.49
C PRO A 142 11.36 -11.94 -8.65
N ILE A 143 11.92 -11.91 -7.45
CA ILE A 143 11.81 -13.05 -6.52
C ILE A 143 10.38 -13.56 -6.34
N VAL A 144 9.41 -12.65 -6.30
CA VAL A 144 8.01 -13.01 -6.01
C VAL A 144 7.45 -14.02 -7.00
N GLU A 145 7.81 -13.89 -8.28
CA GLU A 145 7.32 -14.83 -9.30
C GLU A 145 7.82 -16.27 -9.09
N TYR A 146 8.94 -16.43 -8.39
CA TYR A 146 9.51 -17.74 -8.11
C TYR A 146 8.96 -18.44 -6.85
N LEU A 147 8.02 -17.78 -6.16
CA LEU A 147 7.36 -18.41 -5.00
C LEU A 147 6.38 -19.48 -5.48
N LYS A 148 6.25 -20.54 -4.68
CA LYS A 148 5.29 -21.61 -4.96
C LYS A 148 3.84 -21.06 -4.91
N PRO A 149 2.91 -21.72 -5.64
CA PRO A 149 1.50 -21.27 -5.69
C PRO A 149 0.80 -21.11 -4.34
N ASP A 150 1.09 -22.00 -3.39
CA ASP A 150 0.44 -21.99 -2.07
C ASP A 150 1.20 -21.17 -1.03
N ALA A 151 2.30 -20.51 -1.43
CA ALA A 151 3.01 -19.63 -0.54
C ALA A 151 2.04 -18.51 -0.12
N PRO A 152 1.90 -18.28 1.20
CA PRO A 152 1.06 -17.15 1.60
C PRO A 152 1.56 -15.85 0.97
N ALA A 153 0.64 -14.94 0.68
CA ALA A 153 1.00 -13.64 0.11
C ALA A 153 2.08 -12.96 0.96
N THR A 154 3.14 -12.49 0.30
CA THR A 154 4.25 -11.82 0.98
C THR A 154 4.10 -10.30 0.97
N SER A 155 3.14 -9.78 0.19
CA SER A 155 2.73 -8.39 0.30
C SER A 155 1.26 -8.23 -0.06
N ILE A 156 0.67 -7.15 0.47
CA ILE A 156 -0.71 -6.77 0.21
C ILE A 156 -0.75 -5.27 -0.01
N ASN A 157 -1.78 -4.79 -0.69
CA ASN A 157 -1.88 -3.38 -1.07
C ASN A 157 -3.23 -2.82 -0.66
N PHE A 158 -3.20 -1.83 0.23
CA PHE A 158 -4.39 -1.06 0.60
C PHE A 158 -4.46 0.11 -0.36
N LEU A 159 -5.46 0.11 -1.24
CA LEU A 159 -5.74 1.23 -2.15
CA LEU A 159 -5.73 1.23 -2.14
C LEU A 159 -6.84 2.07 -1.52
N VAL A 160 -6.44 3.13 -0.82
CA VAL A 160 -7.37 3.97 -0.06
C VAL A 160 -7.83 5.14 -0.91
N ALA A 161 -9.14 5.29 -1.08
CA ALA A 161 -9.67 6.41 -1.84
C ALA A 161 -9.49 7.70 -1.06
N LEU A 162 -8.82 8.69 -1.67
CA LEU A 162 -8.72 10.04 -1.11
C LEU A 162 -9.67 11.03 -1.82
N SER A 163 -10.34 10.54 -2.86
CA SER A 163 -11.44 11.22 -3.54
C SER A 163 -12.35 10.11 -4.08
N PRO A 164 -13.56 10.46 -4.59
CA PRO A 164 -14.47 9.38 -5.00
C PRO A 164 -13.92 8.50 -6.13
N PHE A 165 -14.15 7.20 -6.01
CA PHE A 165 -13.86 6.21 -7.08
C PHE A 165 -15.20 5.85 -7.69
N THR A 166 -15.41 6.22 -8.95
CA THR A 166 -16.65 5.91 -9.68
C THR A 166 -16.28 5.16 -10.95
N ALA A 167 -17.26 4.48 -11.54
CA ALA A 167 -17.03 3.75 -12.79
C ALA A 167 -16.53 4.67 -13.90
N GLU A 168 -17.11 5.87 -13.98
CA GLU A 168 -16.77 6.83 -15.03
C GLU A 168 -15.44 7.56 -14.82
N ASN A 169 -14.98 7.72 -13.58
CA ASN A 169 -13.71 8.42 -13.31
C ASN A 169 -12.49 7.50 -13.09
N GLY A 170 -12.67 6.19 -13.31
CA GLY A 170 -11.55 5.24 -13.33
C GLY A 170 -11.32 4.40 -12.09
N ALA A 171 -12.38 4.14 -11.33
CA ALA A 171 -12.34 3.22 -10.19
C ALA A 171 -11.62 1.92 -10.57
N THR A 172 -10.83 1.40 -9.63
CA THR A 172 -10.03 0.19 -9.85
C THR A 172 -10.87 -1.01 -10.27
N HIS A 173 -10.32 -1.81 -11.19
CA HIS A 173 -10.87 -3.10 -11.57
C HIS A 173 -10.09 -4.20 -10.87
N VAL A 174 -10.80 -5.24 -10.44
CA VAL A 174 -10.16 -6.47 -9.94
C VAL A 174 -10.85 -7.69 -10.56
N ILE A 175 -10.11 -8.78 -10.68
CA ILE A 175 -10.68 -10.08 -11.01
C ILE A 175 -10.70 -10.90 -9.73
N LEU A 176 -11.90 -11.15 -9.20
CA LEU A 176 -12.04 -11.96 -7.99
C LEU A 176 -11.57 -13.39 -8.25
N GLY A 177 -10.85 -13.93 -7.28
CA GLY A 177 -10.26 -15.27 -7.39
C GLY A 177 -8.96 -15.35 -8.15
N SER A 178 -8.52 -14.26 -8.79
CA SER A 178 -7.36 -14.30 -9.68
C SER A 178 -6.03 -14.44 -8.93
N HIS A 179 -6.04 -14.16 -7.63
CA HIS A 179 -4.88 -14.44 -6.77
C HIS A 179 -4.50 -15.93 -6.66
N LYS A 180 -5.44 -16.82 -6.99
CA LYS A 180 -5.16 -18.26 -7.05
C LYS A 180 -4.87 -18.78 -8.46
N TRP A 181 -4.92 -17.90 -9.47
CA TRP A 181 -4.72 -18.34 -10.87
C TRP A 181 -3.25 -18.66 -11.15
N GLN A 182 -3.02 -19.80 -11.80
CA GLN A 182 -1.72 -20.14 -12.34
C GLN A 182 -1.73 -19.90 -13.86
N ASN A 183 -2.71 -20.49 -14.54
CA ASN A 183 -2.93 -20.25 -15.97
C ASN A 183 -3.64 -18.90 -16.15
N LEU A 184 -3.06 -18.01 -16.95
CA LEU A 184 -3.59 -16.65 -17.18
C LEU A 184 -4.16 -16.45 -18.60
N SER A 185 -4.72 -17.51 -19.18
CA SER A 185 -5.34 -17.44 -20.51
C SER A 185 -6.66 -16.66 -20.49
N ASN A 186 -7.40 -16.74 -19.39
CA ASN A 186 -8.69 -16.05 -19.24
C ASN A 186 -8.60 -14.63 -18.63
N VAL A 187 -7.40 -14.03 -18.62
CA VAL A 187 -7.26 -12.64 -18.19
C VAL A 187 -7.90 -11.72 -19.22
N SER A 188 -8.93 -11.02 -18.78
CA SER A 188 -9.70 -10.14 -19.63
C SER A 188 -10.42 -9.12 -18.77
N MET A 189 -10.66 -7.94 -19.32
CA MET A 189 -11.51 -6.94 -18.67
C MET A 189 -12.96 -7.44 -18.51
N ASP A 190 -13.38 -8.41 -19.34
CA ASP A 190 -14.67 -9.10 -19.18
C ASP A 190 -14.85 -9.73 -17.79
N ALA A 191 -13.75 -10.18 -17.19
CA ALA A 191 -13.77 -10.86 -15.90
C ALA A 191 -13.72 -9.94 -14.67
N THR A 192 -13.65 -8.62 -14.87
CA THR A 192 -13.46 -7.70 -13.75
C THR A 192 -14.74 -7.19 -13.11
N VAL A 193 -14.60 -6.77 -11.86
CA VAL A 193 -15.60 -5.96 -11.16
C VAL A 193 -14.89 -4.72 -10.61
N ARG A 194 -15.69 -3.71 -10.24
CA ARG A 194 -15.16 -2.40 -9.87
C ARG A 194 -15.17 -2.17 -8.38
N ALA A 195 -14.20 -1.38 -7.93
CA ALA A 195 -14.12 -0.91 -6.55
C ALA A 195 -14.68 0.52 -6.48
N LEU A 196 -16.01 0.60 -6.38
CA LEU A 196 -16.70 1.87 -6.21
C LEU A 196 -16.56 2.23 -4.74
N MET A 197 -15.98 3.40 -4.48
CA MET A 197 -15.58 3.76 -3.11
C MET A 197 -15.75 5.25 -2.85
N ASN A 198 -16.13 5.56 -1.61
CA ASN A 198 -16.15 6.92 -1.09
C ASN A 198 -14.77 7.22 -0.51
N PRO A 199 -14.42 8.51 -0.38
CA PRO A 199 -13.17 8.85 0.30
C PRO A 199 -13.06 8.19 1.68
N GLY A 200 -11.92 7.57 1.95
CA GLY A 200 -11.68 6.85 3.20
C GLY A 200 -11.92 5.35 3.14
N ASP A 201 -12.69 4.88 2.15
CA ASP A 201 -12.82 3.44 1.89
C ASP A 201 -11.50 2.96 1.31
N ALA A 202 -11.18 1.68 1.51
CA ALA A 202 -9.96 1.08 0.97
C ALA A 202 -10.26 -0.23 0.28
N LEU A 203 -9.70 -0.40 -0.92
CA LEU A 203 -9.69 -1.69 -1.60
C LEU A 203 -8.41 -2.40 -1.16
N LEU A 204 -8.55 -3.59 -0.57
CA LEU A 204 -7.41 -4.39 -0.18
C LEU A 204 -7.25 -5.56 -1.15
N ILE A 205 -6.06 -5.67 -1.74
CA ILE A 205 -5.71 -6.77 -2.64
C ILE A 205 -4.39 -7.41 -2.20
N THR A 206 -4.11 -8.59 -2.74
CA THR A 206 -2.80 -9.22 -2.53
C THR A 206 -1.89 -8.95 -3.73
N ASP A 207 -0.63 -9.32 -3.58
CA ASP A 207 0.35 -9.25 -4.68
C ASP A 207 0.05 -10.20 -5.84
N SER A 208 -0.88 -11.15 -5.67
CA SER A 208 -1.31 -12.02 -6.77
C SER A 208 -2.67 -11.65 -7.38
N THR A 209 -3.39 -10.70 -6.78
CA THR A 209 -4.68 -10.27 -7.34
C THR A 209 -4.46 -9.52 -8.64
N ILE A 210 -5.11 -9.97 -9.71
CA ILE A 210 -5.02 -9.31 -10.99
C ILE A 210 -5.99 -8.12 -10.97
N HIS A 211 -5.49 -6.95 -11.33
CA HIS A 211 -6.22 -5.70 -11.18
C HIS A 211 -5.67 -4.61 -12.09
N CYS A 212 -6.37 -3.49 -12.15
CA CYS A 212 -5.87 -2.31 -12.86
C CYS A 212 -6.64 -1.07 -12.49
N GLY A 213 -5.95 0.06 -12.53
CA GLY A 213 -6.62 1.36 -12.53
C GLY A 213 -7.52 1.47 -13.74
N GLY A 214 -8.67 2.09 -13.54
CA GLY A 214 -9.65 2.26 -14.61
C GLY A 214 -9.41 3.50 -15.45
N ALA A 215 -10.17 3.59 -16.53
CA ALA A 215 -10.12 4.73 -17.44
C ALA A 215 -10.90 5.91 -16.86
N GLU A 216 -10.27 7.08 -16.84
CA GLU A 216 -10.94 8.33 -16.50
C GLU A 216 -11.63 8.80 -17.79
N THR A 217 -12.96 8.78 -17.80
CA THR A 217 -13.74 9.05 -19.03
C THR A 217 -14.49 10.38 -19.05
N THR A 218 -14.49 11.12 -17.93
CA THR A 218 -15.18 12.41 -17.85
C THR A 218 -14.40 13.55 -18.50
N GLY A 219 -13.07 13.49 -18.41
CA GLY A 219 -12.21 14.61 -18.81
C GLY A 219 -12.17 15.78 -17.83
N THR A 220 -12.86 15.65 -16.70
CA THR A 220 -12.90 16.71 -15.68
C THR A 220 -12.42 16.30 -14.28
N GLU A 221 -12.57 15.03 -13.91
CA GLU A 221 -12.32 14.58 -12.54
C GLU A 221 -10.88 14.12 -12.31
N THR A 222 -10.33 14.53 -11.17
CA THR A 222 -9.01 14.12 -10.71
C THR A 222 -9.19 13.14 -9.57
N ARG A 223 -8.73 11.91 -9.78
CA ARG A 223 -8.87 10.83 -8.79
C ARG A 223 -7.56 10.71 -8.01
N ARG A 224 -7.67 10.62 -6.69
CA ARG A 224 -6.49 10.50 -5.82
C ARG A 224 -6.66 9.31 -4.89
N LEU A 225 -5.54 8.62 -4.65
CA LEU A 225 -5.53 7.50 -3.72
C LEU A 225 -4.25 7.46 -2.91
N LEU A 226 -4.33 6.78 -1.77
CA LEU A 226 -3.18 6.45 -0.95
C LEU A 226 -3.00 4.96 -1.09
N THR A 227 -1.89 4.55 -1.69
CA THR A 227 -1.57 3.12 -1.84
C THR A 227 -0.54 2.75 -0.80
N ILE A 228 -0.90 1.81 0.07
CA ILE A 228 -0.01 1.33 1.13
C ILE A 228 0.27 -0.13 0.85
N THR A 229 1.46 -0.40 0.31
CA THR A 229 1.91 -1.78 0.12
C THR A 229 2.62 -2.19 1.40
N MET A 230 2.01 -3.14 2.10
CA MET A 230 2.58 -3.73 3.30
C MET A 230 3.14 -5.08 2.91
N GLY A 231 4.33 -5.38 3.39
CA GLY A 231 4.99 -6.64 3.05
C GLY A 231 5.83 -7.15 4.19
N ILE A 232 6.19 -8.42 4.09
CA ILE A 232 7.02 -9.03 5.11
C ILE A 232 8.37 -8.30 5.18
N SER A 233 8.91 -8.23 6.39
CA SER A 233 10.15 -7.51 6.65
C SER A 233 11.38 -8.17 6.00
N GLN A 234 11.19 -9.39 5.47
CA GLN A 234 12.21 -10.10 4.69
C GLN A 234 12.36 -9.58 3.26
N LEU A 235 11.39 -8.78 2.79
CA LEU A 235 11.47 -8.16 1.46
C LEU A 235 11.84 -6.70 1.56
N THR A 236 12.66 -6.24 0.63
CA THR A 236 13.16 -4.87 0.65
C THR A 236 12.09 -3.88 0.20
N PRO A 237 11.93 -2.77 0.94
CA PRO A 237 10.98 -1.77 0.48
C PRO A 237 11.33 -1.13 -0.86
N LEU A 238 10.30 -0.69 -1.57
CA LEU A 238 10.46 0.09 -2.81
C LEU A 238 11.03 1.48 -2.50
N GLU A 239 10.75 1.99 -1.30
CA GLU A 239 11.12 3.34 -0.89
C GLU A 239 12.02 3.31 0.34
N SER A 240 12.85 4.34 0.49
CA SER A 240 13.75 4.47 1.64
C SER A 240 13.32 5.61 2.55
N ASN A 241 13.36 5.38 3.86
CA ASN A 241 13.23 6.43 4.86
C ASN A 241 14.57 6.82 5.50
N LEU A 242 15.68 6.48 4.85
CA LEU A 242 17.03 6.75 5.39
C LEU A 242 17.32 8.24 5.57
N ALA A 243 16.74 9.07 4.70
CA ALA A 243 16.96 10.51 4.71
C ALA A 243 15.92 11.30 5.53
N VAL A 244 14.97 10.60 6.17
CA VAL A 244 13.95 11.27 6.99
C VAL A 244 14.66 11.78 8.26
N PRO A 245 14.48 13.08 8.59
CA PRO A 245 15.18 13.65 9.76
C PRO A 245 14.94 12.90 11.07
N ARG A 246 15.96 12.80 11.90
CA ARG A 246 15.89 12.05 13.16
C ARG A 246 14.82 12.56 14.13
N PRO A 247 14.65 13.91 14.23
CA PRO A 247 13.51 14.43 15.01
C PRO A 247 12.15 13.89 14.56
N VAL A 248 11.93 13.77 13.26
CA VAL A 248 10.68 13.21 12.72
C VAL A 248 10.56 11.74 13.16
N ILE A 249 11.60 10.96 12.94
CA ILE A 249 11.61 9.54 13.32
C ILE A 249 11.36 9.38 14.84
N GLU A 250 12.03 10.21 15.65
CA GLU A 250 11.88 10.15 17.10
C GLU A 250 10.51 10.62 17.64
N SER A 251 9.72 11.28 16.79
CA SER A 251 8.33 11.63 17.12
C SER A 251 7.35 10.47 16.95
N LEU A 252 7.77 9.41 16.26
CA LEU A 252 6.89 8.29 15.93
C LEU A 252 6.78 7.30 17.08
N THR A 253 5.77 6.44 17.01
CA THR A 253 5.67 5.30 17.90
C THR A 253 6.76 4.28 17.52
N PRO A 254 7.14 3.41 18.46
CA PRO A 254 8.06 2.31 18.10
C PRO A 254 7.57 1.46 16.92
N LEU A 255 6.26 1.22 16.84
CA LEU A 255 5.67 0.46 15.74
C LEU A 255 5.85 1.17 14.40
N ALA A 256 5.55 2.47 14.36
CA ALA A 256 5.77 3.27 13.16
C ALA A 256 7.25 3.30 12.75
N GLN A 257 8.16 3.40 13.73
CA GLN A 257 9.59 3.35 13.44
C GLN A 257 9.98 2.04 12.75
N ARG A 258 9.46 0.92 13.26
CA ARG A 258 9.72 -0.39 12.66
C ARG A 258 9.22 -0.46 11.23
N LEU A 259 8.00 0.04 11.01
CA LEU A 259 7.40 0.07 9.66
C LEU A 259 8.20 0.85 8.62
N LEU A 260 8.95 1.86 9.09
CA LEU A 260 9.79 2.68 8.21
C LEU A 260 11.25 2.23 8.12
N GLY A 261 11.59 1.07 8.69
CA GLY A 261 12.96 0.56 8.65
C GLY A 261 13.92 1.23 9.62
N TRP A 262 13.39 1.92 10.63
CA TRP A 262 14.19 2.49 11.72
C TRP A 262 14.08 1.61 12.97
N ALA A 263 14.07 0.30 12.76
CA ALA A 263 14.16 -0.67 13.84
C ALA A 263 14.60 -1.99 13.24
N SER A 264 15.12 -2.87 14.07
CA SER A 264 15.38 -4.25 13.64
C SER A 264 14.05 -4.96 13.46
N GLN A 265 14.09 -6.14 12.84
CA GLN A 265 12.88 -6.88 12.50
C GLN A 265 13.06 -8.34 12.90
N ARG A 266 11.94 -9.05 13.00
CA ARG A 266 11.95 -10.46 13.40
C ARG A 266 11.19 -11.32 12.40
N SER A 267 11.71 -12.50 12.14
CA SER A 267 10.97 -13.55 11.41
C SER A 267 10.16 -14.40 12.39
N ALA A 268 9.30 -15.24 11.82
CA ALA A 268 8.46 -16.17 12.57
C ALA A 268 9.15 -17.51 12.87
N ALA A 269 10.42 -17.67 12.48
CA ALA A 269 11.16 -18.90 12.80
C ALA A 269 11.21 -19.09 14.32
N PRO A 270 10.96 -20.32 14.82
CA PRO A 270 10.93 -20.57 16.27
C PRO A 270 12.09 -19.97 17.07
N ARG A 271 13.31 -20.08 16.55
CA ARG A 271 14.50 -19.49 17.18
C ARG A 271 15.09 -18.42 16.26
N ASP A 272 14.20 -17.54 15.80
CA ASP A 272 14.53 -16.40 14.95
C ASP A 272 15.82 -15.68 15.41
N ILE A 273 16.71 -15.41 14.46
CA ILE A 273 17.94 -14.65 14.72
C ILE A 273 17.86 -13.19 14.27
N GLY A 274 16.77 -12.83 13.59
CA GLY A 274 16.44 -11.43 13.33
C GLY A 274 17.01 -10.88 12.05
N LEU A 275 16.54 -9.69 11.71
CA LEU A 275 16.90 -8.96 10.50
C LEU A 275 17.35 -7.55 10.92
N LEU A 276 18.31 -7.00 10.19
CA LEU A 276 18.84 -5.65 10.47
C LEU A 276 19.31 -5.49 11.91
N THR A 277 20.01 -6.51 12.42
CA THR A 277 20.56 -6.48 13.77
C THR A 277 22.00 -6.00 13.75
N ILE A 278 22.52 -5.69 14.93
CA ILE A 278 23.88 -5.17 15.08
C ILE A 278 24.53 -5.95 16.22
N ARG A 279 25.28 -6.99 15.87
CA ARG A 279 26.00 -7.81 16.85
C ARG A 279 25.10 -8.31 18.00
N GLY A 280 23.94 -8.82 17.62
CA GLY A 280 22.98 -9.37 18.58
C GLY A 280 22.02 -8.37 19.22
N ASN A 281 22.17 -7.09 18.91
CA ASN A 281 21.30 -6.05 19.42
C ASN A 281 20.58 -5.33 18.31
N SER A 282 19.46 -4.69 18.67
CA SER A 282 18.63 -4.02 17.69
C SER A 282 19.20 -2.66 17.30
N ILE A 283 18.75 -2.16 16.15
CA ILE A 283 19.03 -0.79 15.72
C ILE A 283 18.64 0.22 16.81
N GLU A 284 17.41 0.08 17.28
CA GLU A 284 16.85 1.02 18.26
C GLU A 284 17.61 1.03 19.60
N LYS A 285 18.07 -0.14 20.05
CA LYS A 285 18.89 -0.23 21.26
C LYS A 285 20.28 0.34 21.01
N THR A 286 20.89 -0.02 19.88
CA THR A 286 22.24 0.44 19.52
C THR A 286 22.35 1.94 19.34
N MET A 287 21.39 2.52 18.62
CA MET A 287 21.38 3.96 18.34
C MET A 287 20.69 4.79 19.42
N ASN A 288 20.15 4.13 20.45
CA ASN A 288 19.41 4.78 21.54
C ASN A 288 18.27 5.65 21.00
N LEU A 289 17.49 5.05 20.10
CA LEU A 289 16.47 5.78 19.35
C LEU A 289 15.27 6.06 20.25
N LYS A 290 14.98 7.35 20.43
CA LYS A 290 13.82 7.77 21.22
C LYS A 290 12.56 7.59 20.39
N ALA A 291 11.41 7.53 21.08
CA ALA A 291 10.11 7.40 20.43
C ALA A 291 9.08 8.30 21.10
N GLU A 292 8.13 8.78 20.30
CA GLU A 292 7.02 9.62 20.77
C GLU A 292 7.50 10.93 21.44
N GLN A 293 8.53 11.53 20.85
CA GLN A 293 9.05 12.84 21.27
C GLN A 293 8.46 13.92 20.35
N PRO A 294 7.56 14.79 20.87
CA PRO A 294 6.98 15.81 19.99
C PRO A 294 8.01 16.74 19.33
N LEU A 295 7.68 17.21 18.12
CA LEU A 295 8.54 18.16 17.39
C LEU A 295 8.40 19.56 17.98
#